data_5AKF
#
_entry.id   5AKF
#
_cell.length_a   106.820
_cell.length_b   70.470
_cell.length_c   107.100
_cell.angle_alpha   90.00
_cell.angle_beta   119.88
_cell.angle_gamma   90.00
#
_symmetry.space_group_name_H-M   'P 1 21 1'
#
loop_
_entity.id
_entity.type
_entity.pdbx_description
1 polymer 'HOMING ENDONUCLEASE I-DMOI'
2 polymer "5'-D(*GP*CP*CP*TP*TP*GP*CP*CP*GP*GP*GP*TP*AP*AP)-3'"
3 polymer "5'-D(*GP*TP*TP*CP*CP*GP*GP*CP*GP*CP*GP)-3'"
4 polymer 25MER
5 non-polymer 'CHLORIDE ION'
6 non-polymer 'ACETATE ION'
7 non-polymer 'MANGANESE (II) ION'
8 water water
#
loop_
_entity_poly.entity_id
_entity_poly.type
_entity_poly.pdbx_seq_one_letter_code
_entity_poly.pdbx_strand_id
1 'polypeptide(L)'
;AHNNENVSGISAYLLGLIIGDGGLYKLKYKGNRSEYRVVITAKSENLIKQHIAPLMQFLIDELNVKSKIQIVKGDTRYEL
RVSSKKLYYYFANMLERIRLFNMREQIAFIKGLYVAEGDMTLKRLRIWNKNKALLEIVSRWLNNLGVRNTIHLDDHRHGV
YVLNISLRDRIKFVHTILSSHLNPLPPEAAALEHHHHHH
;
A,E,I
2 'polydeoxyribonucleotide' (DG)(DC)(DC)(DT)(DT)(DG)(DC)(DC)(DG)(DG)(DG)(DT)(DA)(DA) B,F,J
3 'polydeoxyribonucleotide' (DG)(DT)(DT)(DC)(DC)(DG)(DG)(DC)(DG)(DC)(DG) C,G,K
4 'polydeoxyribonucleotide'
;(DC)(DG)(DC)(DG)(DC)(DC)(DG)(DG)(DA)(DA)(DC)(DT)(DT)(DA)(DC)(DC)(DC)(DG)(DG)(DC)
(DA)(DA)(DG)(DG)(DC)
;
D,H,L
#
loop_
_chem_comp.id
_chem_comp.type
_chem_comp.name
_chem_comp.formula
ACT non-polymer 'ACETATE ION' 'C2 H3 O2 -1'
CL non-polymer 'CHLORIDE ION' 'Cl -1'
DA DNA linking 2'-DEOXYADENOSINE-5'-MONOPHOSPHATE 'C10 H14 N5 O6 P'
DC DNA linking 2'-DEOXYCYTIDINE-5'-MONOPHOSPHATE 'C9 H14 N3 O7 P'
DG DNA linking 2'-DEOXYGUANOSINE-5'-MONOPHOSPHATE 'C10 H14 N5 O7 P'
DT DNA linking THYMIDINE-5'-MONOPHOSPHATE 'C10 H15 N2 O8 P'
MN non-polymer 'MANGANESE (II) ION' 'Mn 2'
#
# COMPACT_ATOMS: atom_id res chain seq x y z
N GLU A 5 -17.05 -0.61 11.76
CA GLU A 5 -15.65 -0.99 11.74
C GLU A 5 -15.22 -1.50 10.37
N ASN A 6 -13.94 -1.35 10.06
CA ASN A 6 -13.40 -1.84 8.80
C ASN A 6 -13.37 -3.37 8.77
N VAL A 7 -12.98 -3.98 9.89
CA VAL A 7 -12.86 -5.43 9.93
C VAL A 7 -14.21 -6.17 9.95
N SER A 8 -15.20 -5.66 10.67
CA SER A 8 -16.52 -6.33 10.72
C SER A 8 -17.21 -6.37 9.35
N GLY A 9 -17.12 -5.26 8.61
CA GLY A 9 -17.67 -5.19 7.26
C GLY A 9 -16.99 -6.15 6.30
N ILE A 10 -15.68 -6.08 6.22
CA ILE A 10 -14.90 -6.98 5.38
C ILE A 10 -15.16 -8.46 5.73
N SER A 11 -15.36 -8.75 7.01
CA SER A 11 -15.71 -10.11 7.45
C SER A 11 -17.05 -10.54 6.89
N ALA A 12 -18.04 -9.66 7.01
CA ALA A 12 -19.38 -9.97 6.55
C ALA A 12 -19.36 -10.26 5.06
N TYR A 13 -18.63 -9.41 4.32
CA TYR A 13 -18.46 -9.61 2.89
C TYR A 13 -17.85 -10.98 2.52
N LEU A 14 -16.75 -11.35 3.18
CA LEU A 14 -16.06 -12.63 2.93
C LEU A 14 -16.95 -13.81 3.29
N LEU A 15 -17.67 -13.67 4.39
CA LEU A 15 -18.59 -14.71 4.81
C LEU A 15 -19.64 -14.99 3.73
N GLY A 16 -20.06 -13.94 3.03
CA GLY A 16 -20.92 -14.10 1.87
C GLY A 16 -20.29 -14.95 0.77
N LEU A 17 -19.08 -14.58 0.36
CA LEU A 17 -18.31 -15.43 -0.56
C LEU A 17 -18.14 -16.86 -0.04
N ILE A 18 -17.80 -17.00 1.24
CA ILE A 18 -17.58 -18.32 1.83
C ILE A 18 -18.84 -19.16 1.75
N ILE A 19 -19.93 -18.65 2.30
CA ILE A 19 -21.19 -19.35 2.27
C ILE A 19 -21.60 -19.69 0.84
N GLY A 20 -21.56 -18.69 -0.04
CA GLY A 20 -21.99 -18.87 -1.42
C GLY A 20 -21.07 -19.71 -2.31
N ASP A 21 -19.77 -19.48 -2.22
CA ASP A 21 -18.84 -20.12 -3.17
C ASP A 21 -17.75 -21.00 -2.54
N GLY A 22 -17.84 -21.28 -1.25
CA GLY A 22 -16.83 -22.06 -0.57
C GLY A 22 -17.41 -22.81 0.61
N GLY A 23 -16.69 -22.80 1.72
CA GLY A 23 -17.18 -23.46 2.91
C GLY A 23 -16.31 -23.32 4.13
N LEU A 24 -16.83 -23.83 5.23
CA LEU A 24 -16.09 -23.95 6.46
C LEU A 24 -16.02 -25.43 6.78
N TYR A 25 -14.80 -25.96 6.95
CA TYR A 25 -14.64 -27.40 7.15
C TYR A 25 -13.80 -27.75 8.38
N LYS A 26 -14.39 -28.58 9.24
CA LYS A 26 -13.68 -29.16 10.38
C LYS A 26 -13.36 -30.60 10.03
N LEU A 27 -12.10 -30.87 9.70
CA LEU A 27 -11.73 -32.21 9.25
C LEU A 27 -11.16 -33.05 10.38
N LYS A 28 -11.37 -34.36 10.30
CA LYS A 28 -10.72 -35.32 11.22
C LYS A 28 -9.86 -36.31 10.46
N TYR A 29 -8.57 -36.28 10.72
CA TYR A 29 -7.68 -37.24 10.13
C TYR A 29 -7.33 -38.29 11.18
N LYS A 30 -6.70 -39.37 10.73
CA LYS A 30 -6.05 -40.32 11.63
C LYS A 30 -4.59 -39.90 11.74
N GLY A 31 -3.93 -40.18 12.87
CA GLY A 31 -4.54 -40.64 14.10
C GLY A 31 -4.62 -39.47 15.07
N ASN A 32 -5.84 -39.01 15.32
CA ASN A 32 -6.09 -37.84 16.16
C ASN A 32 -5.64 -36.53 15.51
N ARG A 33 -5.24 -36.59 14.25
CA ARG A 33 -4.93 -35.36 13.53
C ARG A 33 -6.21 -34.66 13.08
N SER A 34 -6.08 -33.37 12.80
CA SER A 34 -7.24 -32.54 12.49
C SER A 34 -6.86 -31.39 11.57
N GLU A 35 -7.88 -30.71 11.04
CA GLU A 35 -7.68 -29.49 10.27
C GLU A 35 -8.94 -28.64 10.21
N TYR A 36 -8.75 -27.33 10.09
CA TYR A 36 -9.86 -26.40 10.06
C TYR A 36 -9.64 -25.49 8.88
N ARG A 37 -10.61 -25.46 7.96
CA ARG A 37 -10.46 -24.72 6.71
C ARG A 37 -11.55 -23.69 6.45
N VAL A 38 -11.12 -22.53 6.00
CA VAL A 38 -11.99 -21.50 5.48
C VAL A 38 -11.73 -21.43 3.98
N VAL A 39 -12.77 -21.71 3.19
CA VAL A 39 -12.61 -21.81 1.75
C VAL A 39 -13.54 -20.93 0.91
N ILE A 40 -12.94 -20.25 -0.06
CA ILE A 40 -13.68 -19.64 -1.16
C ILE A 40 -13.14 -20.21 -2.47
N THR A 41 -14.01 -20.75 -3.33
CA THR A 41 -13.58 -21.19 -4.66
C THR A 41 -14.04 -20.23 -5.77
N ALA A 42 -13.36 -20.28 -6.92
CA ALA A 42 -13.65 -19.40 -8.05
C ALA A 42 -12.96 -19.84 -9.34
N LYS A 43 -13.59 -19.58 -10.49
CA LYS A 43 -13.04 -19.96 -11.78
C LYS A 43 -11.76 -19.20 -12.07
N SER A 44 -11.79 -17.87 -11.85
CA SER A 44 -10.64 -17.02 -12.15
C SER A 44 -9.55 -16.99 -11.08
N GLU A 45 -8.37 -17.53 -11.41
CA GLU A 45 -7.23 -17.44 -10.50
C GLU A 45 -6.88 -15.98 -10.27
N ASN A 46 -7.16 -15.13 -11.25
CA ASN A 46 -6.85 -13.73 -11.11
C ASN A 46 -7.81 -13.04 -10.16
N LEU A 47 -9.07 -13.42 -10.25
CA LEU A 47 -10.10 -12.85 -9.39
C LEU A 47 -9.76 -13.12 -7.92
N ILE A 48 -9.44 -14.38 -7.62
CA ILE A 48 -9.00 -14.77 -6.30
C ILE A 48 -7.79 -13.98 -5.82
N LYS A 49 -6.79 -13.82 -6.68
CA LYS A 49 -5.55 -13.20 -6.26
C LYS A 49 -5.63 -11.68 -6.15
N GLN A 50 -6.51 -11.07 -6.92
CA GLN A 50 -6.53 -9.61 -7.02
C GLN A 50 -7.53 -8.98 -6.06
N HIS A 51 -8.67 -9.63 -5.87
CA HIS A 51 -9.73 -9.03 -5.08
C HIS A 51 -9.94 -9.76 -3.76
N ILE A 52 -10.15 -11.06 -3.84
CA ILE A 52 -10.44 -11.83 -2.63
C ILE A 52 -9.26 -11.93 -1.68
N ALA A 53 -8.12 -12.45 -2.16
CA ALA A 53 -6.97 -12.73 -1.31
C ALA A 53 -6.52 -11.55 -0.46
N PRO A 54 -6.40 -10.36 -1.06
CA PRO A 54 -5.95 -9.23 -0.23
C PRO A 54 -6.92 -8.87 0.88
N LEU A 55 -8.21 -9.19 0.71
CA LEU A 55 -9.18 -8.95 1.78
C LEU A 55 -8.97 -9.94 2.90
N MET A 56 -8.84 -11.22 2.55
CA MET A 56 -8.52 -12.24 3.55
C MET A 56 -7.21 -11.87 4.24
N GLN A 57 -6.24 -11.45 3.46
CA GLN A 57 -4.94 -11.14 3.99
C GLN A 57 -5.06 -10.08 5.05
N PHE A 58 -5.90 -9.09 4.79
CA PHE A 58 -6.04 -7.97 5.70
C PHE A 58 -6.65 -8.45 7.00
N LEU A 59 -7.70 -9.26 6.85
CA LEU A 59 -8.40 -9.88 7.97
C LEU A 59 -7.44 -10.74 8.77
N ILE A 60 -6.77 -11.66 8.09
CA ILE A 60 -5.72 -12.51 8.67
CA ILE A 60 -5.79 -12.51 8.74
C ILE A 60 -4.75 -11.71 9.55
N ASP A 61 -4.33 -10.55 9.05
CA ASP A 61 -3.35 -9.76 9.76
C ASP A 61 -3.96 -9.08 10.99
N GLU A 62 -5.13 -8.50 10.81
CA GLU A 62 -5.84 -7.86 11.91
C GLU A 62 -6.17 -8.87 12.99
N LEU A 63 -6.50 -10.08 12.55
CA LEU A 63 -6.90 -11.14 13.46
C LEU A 63 -5.69 -11.81 14.10
N ASN A 64 -4.51 -11.45 13.62
CA ASN A 64 -3.27 -12.09 14.05
C ASN A 64 -3.32 -13.58 13.84
N VAL A 65 -3.94 -13.98 12.75
CA VAL A 65 -3.93 -15.37 12.35
C VAL A 65 -2.58 -15.65 11.68
N LYS A 66 -2.02 -16.81 11.97
CA LYS A 66 -0.63 -17.07 11.59
C LYS A 66 -0.53 -17.86 10.30
N SER A 67 -1.56 -18.64 10.02
CA SER A 67 -1.65 -19.43 8.80
C SER A 67 -1.44 -18.59 7.57
N LYS A 68 -1.25 -19.26 6.44
CA LYS A 68 -1.05 -18.57 5.18
C LYS A 68 -2.24 -18.78 4.24
N ILE A 69 -2.34 -17.90 3.25
CA ILE A 69 -3.36 -18.08 2.24
C ILE A 69 -2.84 -19.03 1.18
N GLN A 70 -3.52 -20.15 1.01
CA GLN A 70 -3.17 -21.09 -0.02
C GLN A 70 -4.10 -20.83 -1.20
N ILE A 71 -3.51 -20.75 -2.39
CA ILE A 71 -4.31 -20.73 -3.61
C ILE A 71 -3.97 -21.99 -4.38
N VAL A 72 -4.87 -22.96 -4.32
CA VAL A 72 -4.63 -24.27 -4.93
C VAL A 72 -5.43 -24.43 -6.21
N LYS A 73 -4.72 -24.65 -7.32
CA LYS A 73 -5.39 -24.98 -8.57
C LYS A 73 -6.03 -26.35 -8.47
N GLY A 74 -7.28 -26.44 -8.91
CA GLY A 74 -7.95 -27.72 -9.02
C GLY A 74 -8.38 -27.95 -10.45
N ASP A 75 -8.97 -29.11 -10.71
CA ASP A 75 -9.48 -29.41 -12.05
C ASP A 75 -10.42 -28.33 -12.60
N THR A 76 -11.44 -27.99 -11.82
CA THR A 76 -12.52 -27.13 -12.30
C THR A 76 -12.55 -25.73 -11.69
N ARG A 77 -11.74 -25.51 -10.66
CA ARG A 77 -11.67 -24.16 -10.10
C ARG A 77 -10.46 -23.98 -9.22
N TYR A 78 -10.04 -22.74 -9.09
CA TYR A 78 -9.06 -22.37 -8.10
C TYR A 78 -9.75 -22.28 -6.75
N GLU A 79 -8.99 -22.44 -5.68
CA GLU A 79 -9.53 -22.49 -4.34
C GLU A 79 -8.64 -21.65 -3.44
N LEU A 80 -9.22 -20.62 -2.84
CA LEU A 80 -8.54 -19.92 -1.76
C LEU A 80 -8.86 -20.73 -0.53
N ARG A 81 -7.81 -21.05 0.23
CA ARG A 81 -7.97 -21.85 1.41
C ARG A 81 -7.08 -21.29 2.51
N VAL A 82 -7.65 -21.08 3.70
CA VAL A 82 -6.84 -20.76 4.86
C VAL A 82 -7.00 -21.87 5.88
N SER A 83 -5.93 -22.61 6.14
CA SER A 83 -5.97 -23.66 7.15
C SER A 83 -5.70 -23.06 8.53
N SER A 84 -6.76 -22.82 9.29
CA SER A 84 -6.65 -22.13 10.57
C SER A 84 -7.83 -22.44 11.48
N LYS A 85 -7.55 -22.96 12.66
CA LYS A 85 -8.60 -23.19 13.66
C LYS A 85 -9.24 -21.87 14.07
N LYS A 86 -8.41 -20.87 14.33
CA LYS A 86 -8.87 -19.57 14.82
C LYS A 86 -9.82 -18.91 13.84
N LEU A 87 -9.41 -18.88 12.58
CA LEU A 87 -10.18 -18.27 11.53
C LEU A 87 -11.46 -19.05 11.25
N TYR A 88 -11.36 -20.38 11.20
CA TYR A 88 -12.55 -21.22 11.06
C TYR A 88 -13.63 -20.86 12.08
N TYR A 89 -13.25 -20.78 13.34
CA TYR A 89 -14.21 -20.51 14.42
C TYR A 89 -14.71 -19.06 14.41
N TYR A 90 -13.86 -18.16 13.98
CA TYR A 90 -14.25 -16.78 13.76
C TYR A 90 -15.41 -16.66 12.76
N PHE A 91 -15.38 -17.44 11.69
CA PHE A 91 -16.44 -17.35 10.71
C PHE A 91 -17.66 -18.18 11.12
N ALA A 92 -17.43 -19.37 11.64
CA ALA A 92 -18.54 -20.23 12.04
C ALA A 92 -19.37 -19.53 13.13
N ASN A 93 -18.69 -18.87 14.05
CA ASN A 93 -19.37 -18.19 15.15
C ASN A 93 -20.07 -16.94 14.64
N MET A 94 -19.49 -16.33 13.62
CA MET A 94 -20.08 -15.15 13.02
C MET A 94 -21.34 -15.57 12.25
N LEU A 95 -21.32 -16.77 11.69
CA LEU A 95 -22.45 -17.27 10.93
C LEU A 95 -23.62 -17.57 11.87
N GLU A 96 -23.32 -17.92 13.11
CA GLU A 96 -24.37 -18.33 14.02
C GLU A 96 -25.12 -17.12 14.54
N ARG A 97 -24.49 -15.96 14.50
CA ARG A 97 -25.08 -14.74 15.03
CA ARG A 97 -25.08 -14.75 15.03
C ARG A 97 -25.43 -13.80 13.88
N ILE A 98 -25.60 -14.36 12.70
CA ILE A 98 -25.89 -13.57 11.51
C ILE A 98 -27.16 -12.71 11.68
N ARG A 99 -28.14 -13.21 12.42
CA ARG A 99 -29.38 -12.46 12.62
CA ARG A 99 -29.38 -12.46 12.62
C ARG A 99 -29.13 -11.14 13.35
N LEU A 100 -27.98 -11.06 14.02
CA LEU A 100 -27.65 -9.86 14.79
C LEU A 100 -26.76 -8.90 14.01
N PHE A 101 -26.53 -9.18 12.74
CA PHE A 101 -25.73 -8.29 11.91
C PHE A 101 -26.31 -6.88 11.92
N ASN A 102 -25.46 -5.88 11.82
CA ASN A 102 -25.94 -4.51 11.74
C ASN A 102 -26.08 -4.06 10.29
N MET A 103 -26.51 -2.83 10.11
CA MET A 103 -26.64 -2.24 8.78
C MET A 103 -25.38 -2.47 7.94
N ARG A 104 -24.22 -2.15 8.52
CA ARG A 104 -22.98 -2.24 7.78
C ARG A 104 -22.71 -3.68 7.32
N GLU A 105 -22.91 -4.62 8.23
CA GLU A 105 -22.67 -6.03 7.96
C GLU A 105 -23.71 -6.62 7.03
N GLN A 106 -24.98 -6.29 7.24
CA GLN A 106 -26.04 -6.79 6.38
C GLN A 106 -25.73 -6.46 4.93
N ILE A 107 -25.40 -5.19 4.68
CA ILE A 107 -25.09 -4.74 3.33
C ILE A 107 -23.88 -5.44 2.74
N ALA A 108 -22.83 -5.60 3.52
CA ALA A 108 -21.60 -6.25 3.05
C ALA A 108 -21.84 -7.75 2.79
N PHE A 109 -22.57 -8.38 3.70
CA PHE A 109 -22.88 -9.79 3.56
C PHE A 109 -23.70 -10.06 2.32
N ILE A 110 -24.72 -9.23 2.09
CA ILE A 110 -25.57 -9.38 0.92
C ILE A 110 -24.75 -9.18 -0.35
N LYS A 111 -23.90 -8.16 -0.35
CA LYS A 111 -23.01 -7.93 -1.48
C LYS A 111 -22.18 -9.17 -1.79
N GLY A 112 -21.54 -9.73 -0.77
CA GLY A 112 -20.72 -10.92 -0.94
C GLY A 112 -21.51 -12.11 -1.43
N LEU A 113 -22.65 -12.35 -0.79
CA LEU A 113 -23.56 -13.42 -1.22
C LEU A 113 -23.97 -13.21 -2.68
N TYR A 114 -24.18 -11.95 -3.09
CA TYR A 114 -24.59 -11.64 -4.45
C TYR A 114 -23.47 -11.86 -5.45
N VAL A 115 -22.28 -11.37 -5.12
CA VAL A 115 -21.11 -11.60 -5.95
C VAL A 115 -20.93 -13.10 -6.16
N ALA A 116 -21.16 -13.89 -5.11
CA ALA A 116 -20.99 -15.34 -5.22
C ALA A 116 -22.14 -16.07 -5.91
N GLU A 117 -23.39 -15.79 -5.52
CA GLU A 117 -24.52 -16.63 -5.94
C GLU A 117 -25.60 -15.86 -6.67
N GLY A 118 -25.30 -14.61 -7.03
CA GLY A 118 -26.29 -13.77 -7.70
C GLY A 118 -26.18 -13.68 -9.20
N ASP A 119 -27.24 -13.16 -9.82
CA ASP A 119 -27.28 -12.89 -11.25
C ASP A 119 -26.37 -11.71 -11.51
N MET A 120 -25.22 -11.99 -12.12
CA MET A 120 -24.21 -10.95 -12.27
C MET A 120 -24.33 -10.29 -13.63
N THR A 121 -25.28 -10.75 -14.45
CA THR A 121 -25.62 -10.03 -15.67
C THR A 121 -26.35 -8.75 -15.29
N LEU A 122 -26.98 -8.77 -14.12
CA LEU A 122 -27.82 -7.66 -13.65
C LEU A 122 -29.00 -7.37 -14.58
N LYS A 123 -29.17 -8.17 -15.62
CA LYS A 123 -30.38 -8.07 -16.42
C LYS A 123 -31.52 -8.36 -15.47
N ARG A 124 -31.29 -9.32 -14.59
N ARG A 124 -31.30 -9.35 -14.59
CA ARG A 124 -32.22 -9.54 -13.49
CA ARG A 124 -32.23 -9.67 -13.52
C ARG A 124 -31.49 -9.35 -12.17
C ARG A 124 -31.49 -9.70 -12.17
N LEU A 125 -32.21 -9.47 -11.08
CA LEU A 125 -31.61 -9.44 -9.76
C LEU A 125 -32.08 -10.65 -8.97
N ARG A 126 -31.19 -11.65 -8.84
CA ARG A 126 -31.55 -12.93 -8.27
C ARG A 126 -30.42 -13.50 -7.44
N ILE A 127 -30.76 -14.14 -6.34
CA ILE A 127 -29.78 -14.88 -5.57
C ILE A 127 -30.29 -16.30 -5.38
N TRP A 128 -29.49 -17.27 -5.77
CA TRP A 128 -29.90 -18.67 -5.67
C TRP A 128 -29.34 -19.30 -4.41
N ASN A 129 -30.06 -20.27 -3.83
CA ASN A 129 -29.56 -20.97 -2.66
C ASN A 129 -30.52 -21.98 -2.05
N LYS A 130 -30.01 -23.15 -1.65
CA LYS A 130 -30.87 -24.19 -1.08
C LYS A 130 -31.33 -23.86 0.33
N ASN A 131 -30.65 -22.92 0.98
CA ASN A 131 -30.98 -22.56 2.34
C ASN A 131 -32.07 -21.47 2.43
N LYS A 132 -33.33 -21.91 2.46
CA LYS A 132 -34.45 -20.98 2.45
C LYS A 132 -34.39 -20.00 3.61
N ALA A 133 -34.04 -20.50 4.80
CA ALA A 133 -34.01 -19.67 6.00
C ALA A 133 -32.98 -18.55 5.83
N LEU A 134 -31.87 -18.88 5.17
CA LEU A 134 -30.87 -17.86 4.89
C LEU A 134 -31.47 -16.77 4.02
N LEU A 135 -32.14 -17.17 2.93
CA LEU A 135 -32.75 -16.21 2.02
C LEU A 135 -33.81 -15.37 2.72
N GLU A 136 -34.55 -15.97 3.63
CA GLU A 136 -35.58 -15.24 4.36
C GLU A 136 -34.99 -14.16 5.25
N ILE A 137 -33.77 -14.40 5.74
CA ILE A 137 -33.08 -13.41 6.54
C ILE A 137 -32.67 -12.24 5.65
N VAL A 138 -32.14 -12.54 4.47
CA VAL A 138 -31.75 -11.52 3.51
C VAL A 138 -32.99 -10.75 3.02
N SER A 139 -34.08 -11.47 2.88
CA SER A 139 -35.32 -10.85 2.42
C SER A 139 -35.78 -9.76 3.39
N ARG A 140 -35.75 -10.06 4.70
CA ARG A 140 -36.18 -9.09 5.70
C ARG A 140 -35.27 -7.87 5.73
N TRP A 141 -33.96 -8.10 5.56
CA TRP A 141 -32.98 -7.02 5.56
C TRP A 141 -33.19 -6.12 4.36
N LEU A 142 -33.51 -6.73 3.21
CA LEU A 142 -33.85 -5.96 2.02
C LEU A 142 -35.14 -5.17 2.25
N ASN A 143 -36.15 -5.83 2.82
CA ASN A 143 -37.37 -5.14 3.16
C ASN A 143 -37.11 -3.94 4.08
N ASN A 144 -36.29 -4.11 5.11
CA ASN A 144 -35.95 -2.98 5.96
C ASN A 144 -35.10 -1.95 5.21
N LEU A 145 -34.53 -2.34 4.07
CA LEU A 145 -33.78 -1.41 3.24
C LEU A 145 -34.66 -0.79 2.15
N GLY A 146 -35.91 -1.21 2.09
CA GLY A 146 -36.82 -0.68 1.09
C GLY A 146 -36.59 -1.27 -0.29
N VAL A 147 -36.18 -2.53 -0.33
CA VAL A 147 -36.07 -3.25 -1.58
C VAL A 147 -36.98 -4.45 -1.52
N ARG A 148 -38.11 -4.36 -2.22
CA ARG A 148 -39.06 -5.47 -2.28
C ARG A 148 -38.43 -6.65 -3.00
N ASN A 149 -38.98 -7.83 -2.77
CA ASN A 149 -38.38 -9.06 -3.25
C ASN A 149 -39.26 -10.23 -2.91
N THR A 150 -39.02 -11.37 -3.54
CA THR A 150 -39.84 -12.54 -3.32
C THR A 150 -38.95 -13.75 -3.34
N ILE A 151 -39.37 -14.80 -2.66
CA ILE A 151 -38.60 -16.02 -2.61
C ILE A 151 -39.48 -17.15 -3.11
N HIS A 152 -38.95 -17.98 -4.01
N HIS A 152 -38.93 -17.96 -4.03
CA HIS A 152 -39.68 -19.18 -4.37
CA HIS A 152 -39.65 -19.10 -4.60
C HIS A 152 -38.72 -20.29 -4.79
C HIS A 152 -38.71 -20.29 -4.80
N LEU A 153 -39.26 -21.49 -5.00
CA LEU A 153 -38.46 -22.65 -5.36
C LEU A 153 -38.16 -22.63 -6.86
N ASP A 154 -36.93 -22.24 -7.21
CA ASP A 154 -36.57 -22.05 -8.61
C ASP A 154 -36.23 -23.38 -9.27
N ASP A 155 -35.36 -24.16 -8.64
CA ASP A 155 -34.93 -25.44 -9.18
C ASP A 155 -35.58 -26.61 -8.47
N HIS A 156 -36.55 -27.23 -9.13
CA HIS A 156 -37.25 -28.39 -8.59
C HIS A 156 -36.34 -29.63 -8.49
N ARG A 157 -35.31 -29.69 -9.32
CA ARG A 157 -34.43 -30.86 -9.35
C ARG A 157 -33.50 -30.95 -8.12
N HIS A 158 -32.93 -29.83 -7.70
CA HIS A 158 -31.97 -29.85 -6.61
C HIS A 158 -32.41 -29.09 -5.38
N GLY A 159 -33.66 -28.61 -5.36
CA GLY A 159 -34.17 -27.87 -4.22
C GLY A 159 -33.55 -26.49 -4.02
N VAL A 160 -33.28 -25.80 -5.13
CA VAL A 160 -32.66 -24.48 -5.05
C VAL A 160 -33.68 -23.35 -5.10
N TYR A 161 -33.72 -22.52 -4.06
CA TYR A 161 -34.63 -21.39 -4.03
C TYR A 161 -33.98 -20.21 -4.72
N VAL A 162 -34.80 -19.27 -5.15
CA VAL A 162 -34.31 -17.99 -5.64
C VAL A 162 -34.95 -16.84 -4.88
N LEU A 163 -34.13 -15.88 -4.47
CA LEU A 163 -34.63 -14.60 -4.01
C LEU A 163 -34.62 -13.63 -5.19
N ASN A 164 -35.81 -13.19 -5.60
CA ASN A 164 -35.94 -12.22 -6.68
C ASN A 164 -36.13 -10.80 -6.18
N ILE A 165 -35.15 -9.95 -6.46
CA ILE A 165 -35.25 -8.53 -6.16
C ILE A 165 -36.12 -7.86 -7.23
N SER A 166 -37.17 -7.16 -6.81
CA SER A 166 -38.04 -6.50 -7.76
C SER A 166 -37.27 -5.45 -8.55
N LEU A 167 -37.40 -5.49 -9.87
CA LEU A 167 -36.73 -4.49 -10.72
C LEU A 167 -37.27 -3.09 -10.45
N ARG A 168 -38.41 -3.01 -9.77
CA ARG A 168 -38.94 -1.72 -9.33
C ARG A 168 -37.93 -1.05 -8.44
N ASP A 169 -37.23 -1.83 -7.61
CA ASP A 169 -36.26 -1.27 -6.67
C ASP A 169 -34.84 -1.54 -7.15
N ARG A 170 -34.67 -1.69 -8.47
CA ARG A 170 -33.37 -1.98 -9.04
C ARG A 170 -32.31 -0.96 -8.64
N ILE A 171 -32.57 0.31 -8.94
CA ILE A 171 -31.61 1.35 -8.61
C ILE A 171 -31.19 1.27 -7.15
N LYS A 172 -32.17 1.34 -6.24
CA LYS A 172 -31.84 1.33 -4.82
C LYS A 172 -30.92 0.16 -4.46
N PHE A 173 -31.29 -1.06 -4.87
CA PHE A 173 -30.50 -2.23 -4.54
C PHE A 173 -29.06 -2.16 -5.09
N VAL A 174 -28.95 -1.89 -6.38
CA VAL A 174 -27.64 -1.80 -7.02
C VAL A 174 -26.77 -0.73 -6.36
N HIS A 175 -27.30 0.49 -6.28
CA HIS A 175 -26.56 1.61 -5.72
C HIS A 175 -26.21 1.40 -4.24
N THR A 176 -27.17 0.88 -3.48
CA THR A 176 -27.04 0.75 -2.03
C THR A 176 -26.26 -0.50 -1.61
N ILE A 177 -26.36 -1.56 -2.38
CA ILE A 177 -25.74 -2.81 -1.98
C ILE A 177 -24.57 -3.24 -2.86
N LEU A 178 -24.81 -3.38 -4.16
CA LEU A 178 -23.75 -3.84 -5.06
C LEU A 178 -22.61 -2.82 -5.26
N SER A 179 -22.94 -1.56 -5.47
CA SER A 179 -21.92 -0.55 -5.67
C SER A 179 -21.62 0.17 -4.37
N SER A 180 -21.75 -0.55 -3.26
CA SER A 180 -21.45 -0.01 -1.94
C SER A 180 -19.97 0.36 -1.83
N HIS A 181 -19.69 1.59 -1.40
CA HIS A 181 -18.32 2.06 -1.22
C HIS A 181 -17.84 1.72 0.17
N LEU A 182 -18.56 0.83 0.83
CA LEU A 182 -18.11 0.19 2.07
C LEU A 182 -17.53 -1.17 1.67
N ASN A 183 -16.55 -1.71 2.42
CA ASN A 183 -16.06 -1.20 3.71
C ASN A 183 -17.11 -1.28 4.81
N GLU E 5 -19.67 40.73 -17.57
CA GLU E 5 -19.18 40.39 -16.25
C GLU E 5 -18.12 39.28 -16.30
N ASN E 6 -16.95 39.57 -15.75
CA ASN E 6 -15.86 38.61 -15.78
C ASN E 6 -16.16 37.40 -14.89
N VAL E 7 -16.69 37.65 -13.70
CA VAL E 7 -16.98 36.57 -12.75
C VAL E 7 -18.09 35.63 -13.24
N SER E 8 -19.09 36.17 -13.93
CA SER E 8 -20.16 35.30 -14.39
C SER E 8 -19.65 34.44 -15.56
N GLY E 9 -18.74 34.97 -16.35
CA GLY E 9 -18.14 34.20 -17.43
C GLY E 9 -17.27 33.07 -16.91
N ILE E 10 -16.28 33.42 -16.10
CA ILE E 10 -15.42 32.44 -15.46
C ILE E 10 -16.26 31.34 -14.81
N SER E 11 -17.30 31.73 -14.08
CA SER E 11 -18.21 30.79 -13.42
C SER E 11 -18.80 29.78 -14.38
N ALA E 12 -19.24 30.27 -15.53
CA ALA E 12 -19.93 29.43 -16.49
C ALA E 12 -18.92 28.48 -17.14
N TYR E 13 -17.74 29.00 -17.45
CA TYR E 13 -16.66 28.16 -17.94
C TYR E 13 -16.41 27.01 -16.96
N LEU E 14 -16.18 27.35 -15.70
CA LEU E 14 -15.95 26.38 -14.66
C LEU E 14 -17.10 25.38 -14.55
N LEU E 15 -18.32 25.88 -14.67
CA LEU E 15 -19.48 24.99 -14.54
C LEU E 15 -19.41 23.93 -15.65
N GLY E 16 -18.98 24.35 -16.83
CA GLY E 16 -18.75 23.42 -17.93
C GLY E 16 -17.76 22.32 -17.56
N LEU E 17 -16.61 22.73 -17.04
CA LEU E 17 -15.63 21.80 -16.53
C LEU E 17 -16.22 20.90 -15.43
N ILE E 18 -16.96 21.50 -14.49
CA ILE E 18 -17.50 20.73 -13.38
C ILE E 18 -18.46 19.68 -13.88
N ILE E 19 -19.40 20.08 -14.73
CA ILE E 19 -20.37 19.14 -15.25
C ILE E 19 -19.67 18.05 -16.02
N GLY E 20 -18.73 18.44 -16.87
CA GLY E 20 -18.15 17.53 -17.82
C GLY E 20 -17.12 16.60 -17.25
N ASP E 21 -16.33 17.09 -16.32
CA ASP E 21 -15.17 16.35 -15.85
C ASP E 21 -15.10 16.28 -14.35
N GLY E 22 -16.18 16.68 -13.68
CA GLY E 22 -16.17 16.69 -12.24
C GLY E 22 -17.53 16.45 -11.66
N GLY E 23 -17.86 17.19 -10.61
CA GLY E 23 -19.16 17.04 -9.99
C GLY E 23 -19.36 17.97 -8.82
N LEU E 24 -20.56 17.88 -8.27
CA LEU E 24 -20.95 18.68 -7.12
C LEU E 24 -21.50 17.71 -6.11
N TYR E 25 -20.84 17.59 -4.97
CA TYR E 25 -21.22 16.56 -4.03
C TYR E 25 -21.69 17.08 -2.68
N LYS E 26 -22.78 16.49 -2.20
CA LYS E 26 -23.32 16.75 -0.88
C LYS E 26 -23.14 15.45 -0.08
N LEU E 27 -22.12 15.42 0.79
CA LEU E 27 -21.74 14.19 1.50
C LEU E 27 -22.22 14.20 2.95
N LYS E 28 -22.60 13.01 3.45
CA LYS E 28 -22.97 12.82 4.84
C LYS E 28 -22.06 11.77 5.47
N TYR E 29 -21.36 12.13 6.53
CA TYR E 29 -20.52 11.16 7.22
C TYR E 29 -21.16 10.78 8.55
N LYS E 30 -20.54 9.83 9.24
CA LYS E 30 -20.82 9.64 10.66
C LYS E 30 -19.99 10.73 11.35
N GLY E 31 -20.47 11.30 12.44
CA GLY E 31 -21.83 11.11 12.92
C GLY E 31 -22.53 12.44 12.80
N ASN E 32 -23.47 12.51 11.87
CA ASN E 32 -24.10 13.77 11.54
C ASN E 32 -23.10 14.77 11.01
N ARG E 33 -21.94 14.28 10.58
CA ARG E 33 -20.98 15.13 9.89
C ARG E 33 -21.34 15.26 8.41
N SER E 34 -20.81 16.28 7.75
CA SER E 34 -21.16 16.52 6.35
C SER E 34 -20.02 17.20 5.62
N GLU E 35 -20.17 17.29 4.30
CA GLU E 35 -19.24 18.01 3.46
C GLU E 35 -19.87 18.40 2.14
N TYR E 36 -19.46 19.54 1.63
CA TYR E 36 -19.94 20.02 0.36
C TYR E 36 -18.75 20.22 -0.57
N ARG E 37 -18.71 19.44 -1.65
CA ARG E 37 -17.55 19.49 -2.56
C ARG E 37 -17.85 20.00 -3.96
N VAL E 38 -16.95 20.85 -4.45
CA VAL E 38 -16.90 21.24 -5.85
C VAL E 38 -15.66 20.64 -6.52
N VAL E 39 -15.88 19.77 -7.51
CA VAL E 39 -14.78 18.99 -8.07
C VAL E 39 -14.57 19.09 -9.58
N ILE E 40 -13.31 19.23 -9.98
CA ILE E 40 -12.91 19.03 -11.38
C ILE E 40 -11.71 18.06 -11.48
N THR E 41 -11.88 16.96 -12.21
CA THR E 41 -10.76 16.04 -12.39
C THR E 41 -10.12 16.18 -13.77
N ALA E 42 -8.86 15.75 -13.86
CA ALA E 42 -8.07 15.84 -15.08
C ALA E 42 -6.83 14.94 -14.98
N LYS E 43 -6.42 14.34 -16.10
CA LYS E 43 -5.19 13.57 -16.12
C LYS E 43 -3.97 14.41 -15.71
N SER E 44 -3.83 15.57 -16.33
CA SER E 44 -2.65 16.40 -16.17
C SER E 44 -2.69 17.31 -14.94
N GLU E 45 -1.67 17.20 -14.10
CA GLU E 45 -1.54 18.05 -12.94
C GLU E 45 -1.21 19.49 -13.35
N ASN E 46 -0.47 19.65 -14.44
CA ASN E 46 -0.09 20.99 -14.89
C ASN E 46 -1.32 21.79 -15.30
N LEU E 47 -2.18 21.15 -16.09
CA LEU E 47 -3.42 21.77 -16.54
C LEU E 47 -4.22 22.28 -15.33
N ILE E 48 -4.39 21.43 -14.33
N ILE E 48 -4.35 21.42 -14.33
CA ILE E 48 -5.10 21.83 -13.12
CA ILE E 48 -5.06 21.77 -13.10
C ILE E 48 -4.43 22.98 -12.37
C ILE E 48 -4.43 22.99 -12.41
N LYS E 49 -3.12 22.93 -12.21
CA LYS E 49 -2.42 23.97 -11.48
C LYS E 49 -2.26 25.24 -12.29
N GLN E 50 -2.14 25.10 -13.61
CA GLN E 50 -1.81 26.25 -14.45
C GLN E 50 -3.01 26.87 -15.16
N HIS E 51 -4.04 26.09 -15.41
CA HIS E 51 -5.21 26.62 -16.09
C HIS E 51 -6.45 26.69 -15.20
N ILE E 52 -6.84 25.59 -14.59
CA ILE E 52 -8.09 25.54 -13.86
C ILE E 52 -8.02 26.24 -12.50
N ALA E 53 -7.11 25.77 -11.63
CA ALA E 53 -6.97 26.32 -10.27
C ALA E 53 -6.96 27.85 -10.19
N PRO E 54 -6.21 28.50 -11.09
CA PRO E 54 -6.16 29.95 -10.98
C PRO E 54 -7.51 30.62 -11.26
N LEU E 55 -8.29 30.03 -12.16
CA LEU E 55 -9.64 30.53 -12.42
C LEU E 55 -10.48 30.31 -11.17
N MET E 56 -10.38 29.11 -10.60
CA MET E 56 -11.14 28.82 -9.39
C MET E 56 -10.73 29.72 -8.23
N GLN E 57 -9.45 30.03 -8.13
CA GLN E 57 -8.94 30.82 -7.03
C GLN E 57 -9.53 32.22 -7.11
N PHE E 58 -9.50 32.78 -8.32
CA PHE E 58 -10.08 34.09 -8.55
C PHE E 58 -11.55 34.10 -8.13
N LEU E 59 -12.28 33.07 -8.55
CA LEU E 59 -13.68 32.94 -8.19
C LEU E 59 -13.87 32.82 -6.68
N ILE E 60 -13.09 31.95 -6.04
CA ILE E 60 -13.10 31.84 -4.59
C ILE E 60 -12.90 33.21 -3.91
N ASP E 61 -11.97 34.02 -4.43
CA ASP E 61 -11.67 35.31 -3.83
C ASP E 61 -12.77 36.32 -4.02
N GLU E 62 -13.41 36.31 -5.19
CA GLU E 62 -14.48 37.27 -5.47
C GLU E 62 -15.74 36.99 -4.65
N LEU E 63 -15.96 35.73 -4.29
CA LEU E 63 -17.12 35.36 -3.50
C LEU E 63 -16.78 35.35 -2.01
N ASN E 64 -15.58 35.80 -1.67
CA ASN E 64 -15.13 35.74 -0.28
CA ASN E 64 -15.12 35.73 -0.29
C ASN E 64 -15.38 34.35 0.33
N VAL E 65 -15.04 33.31 -0.41
CA VAL E 65 -15.16 31.94 0.08
C VAL E 65 -13.88 31.57 0.84
N LYS E 66 -14.02 30.96 2.01
CA LYS E 66 -12.86 30.78 2.87
C LYS E 66 -12.08 29.50 2.59
N SER E 67 -12.68 28.57 1.84
CA SER E 67 -12.06 27.28 1.64
C SER E 67 -10.84 27.38 0.72
N LYS E 68 -9.99 26.37 0.75
CA LYS E 68 -8.82 26.38 -0.12
C LYS E 68 -9.00 25.43 -1.29
N ILE E 69 -8.22 25.64 -2.33
CA ILE E 69 -8.24 24.72 -3.44
C ILE E 69 -7.30 23.58 -3.09
N GLN E 70 -7.87 22.39 -2.98
CA GLN E 70 -7.07 21.20 -2.74
C GLN E 70 -6.81 20.51 -4.08
N ILE E 71 -5.59 20.01 -4.25
CA ILE E 71 -5.28 19.18 -5.41
C ILE E 71 -4.83 17.82 -4.96
N VAL E 72 -5.68 16.82 -5.15
CA VAL E 72 -5.38 15.49 -4.66
C VAL E 72 -4.99 14.57 -5.82
N LYS E 73 -3.99 13.71 -5.57
CA LYS E 73 -3.57 12.75 -6.56
C LYS E 73 -4.34 11.44 -6.39
N GLY E 74 -4.95 10.99 -7.47
CA GLY E 74 -5.61 9.70 -7.51
C GLY E 74 -4.81 8.79 -8.41
N ASP E 75 -5.18 7.52 -8.48
CA ASP E 75 -4.49 6.56 -9.35
C ASP E 75 -4.49 6.99 -10.81
N THR E 76 -5.65 7.42 -11.30
CA THR E 76 -5.85 7.69 -12.72
C THR E 76 -6.03 9.15 -13.11
N ARG E 77 -6.11 10.05 -12.12
CA ARG E 77 -6.24 11.46 -12.44
C ARG E 77 -6.01 12.29 -11.20
N TYR E 78 -5.68 13.56 -11.43
CA TYR E 78 -5.65 14.55 -10.38
C TYR E 78 -7.06 15.08 -10.16
N GLU E 79 -7.32 15.50 -8.93
CA GLU E 79 -8.62 16.06 -8.58
C GLU E 79 -8.43 17.42 -8.00
N LEU E 80 -9.05 18.42 -8.63
CA LEU E 80 -9.16 19.74 -8.00
C LEU E 80 -10.43 19.75 -7.16
N ARG E 81 -10.29 20.18 -5.91
CA ARG E 81 -11.39 20.06 -4.98
C ARG E 81 -11.46 21.26 -4.06
N VAL E 82 -12.64 21.87 -4.00
CA VAL E 82 -12.94 22.89 -3.00
C VAL E 82 -14.05 22.37 -2.09
N SER E 83 -13.78 22.40 -0.80
CA SER E 83 -14.75 21.94 0.20
C SER E 83 -15.45 23.16 0.82
N SER E 84 -16.65 23.46 0.31
CA SER E 84 -17.36 24.70 0.63
C SER E 84 -18.86 24.60 0.39
N LYS E 85 -19.64 24.64 1.47
CA LYS E 85 -21.10 24.63 1.33
C LYS E 85 -21.51 25.78 0.42
N LYS E 86 -20.88 26.92 0.63
CA LYS E 86 -21.19 28.11 -0.13
C LYS E 86 -20.89 27.94 -1.63
N LEU E 87 -19.67 27.52 -1.98
CA LEU E 87 -19.33 27.41 -3.39
C LEU E 87 -20.14 26.30 -4.07
N TYR E 88 -20.46 25.28 -3.29
CA TYR E 88 -21.35 24.21 -3.73
C TYR E 88 -22.72 24.73 -4.16
N TYR E 89 -23.35 25.55 -3.34
CA TYR E 89 -24.68 26.08 -3.69
C TYR E 89 -24.64 27.15 -4.79
N TYR E 90 -23.58 27.96 -4.77
CA TYR E 90 -23.30 28.86 -5.86
C TYR E 90 -23.39 28.13 -7.20
N PHE E 91 -22.64 27.03 -7.35
CA PHE E 91 -22.71 26.29 -8.62
C PHE E 91 -24.02 25.53 -8.84
N ALA E 92 -24.53 24.86 -7.82
CA ALA E 92 -25.77 24.08 -8.00
C ALA E 92 -26.96 24.97 -8.38
N ASN E 93 -27.03 26.16 -7.79
CA ASN E 93 -28.08 27.10 -8.14
C ASN E 93 -27.87 27.64 -9.55
N MET E 94 -26.60 27.87 -9.91
CA MET E 94 -26.28 28.34 -11.25
C MET E 94 -26.72 27.29 -12.25
N LEU E 95 -26.56 26.03 -11.89
CA LEU E 95 -26.97 24.94 -12.77
C LEU E 95 -28.49 24.85 -12.93
N GLU E 96 -29.22 25.07 -11.83
CA GLU E 96 -30.69 25.05 -11.85
C GLU E 96 -31.30 26.11 -12.77
N ARG E 97 -30.69 27.28 -12.83
CA ARG E 97 -31.18 28.33 -13.72
CA ARG E 97 -31.15 28.37 -13.69
C ARG E 97 -30.26 28.50 -14.92
N ILE E 98 -29.77 27.38 -15.43
CA ILE E 98 -28.88 27.39 -16.57
C ILE E 98 -29.55 27.89 -17.85
N ARG E 99 -30.85 27.61 -18.01
CA ARG E 99 -31.61 28.08 -19.16
CA ARG E 99 -31.59 28.07 -19.17
C ARG E 99 -31.64 29.59 -19.24
N LEU E 100 -31.29 30.25 -18.13
CA LEU E 100 -31.32 31.71 -18.08
C LEU E 100 -29.97 32.37 -18.32
N PHE E 101 -28.95 31.59 -18.69
CA PHE E 101 -27.65 32.15 -19.04
C PHE E 101 -27.75 33.20 -20.14
N ASN E 102 -27.16 34.37 -19.93
CA ASN E 102 -27.07 35.34 -21.01
C ASN E 102 -26.09 34.81 -22.06
N MET E 103 -25.94 35.54 -23.16
CA MET E 103 -25.12 35.02 -24.24
C MET E 103 -23.68 34.82 -23.80
N ARG E 104 -23.16 35.74 -23.00
CA ARG E 104 -21.79 35.65 -22.49
C ARG E 104 -21.58 34.33 -21.75
N GLU E 105 -22.53 33.98 -20.90
CA GLU E 105 -22.50 32.75 -20.12
C GLU E 105 -22.65 31.50 -21.00
N GLN E 106 -23.46 31.58 -22.05
CA GLN E 106 -23.64 30.43 -22.94
C GLN E 106 -22.33 30.04 -23.61
N ILE E 107 -21.54 31.05 -23.97
CA ILE E 107 -20.27 30.82 -24.64
C ILE E 107 -19.30 30.19 -23.65
N ALA E 108 -19.14 30.86 -22.52
CA ALA E 108 -18.25 30.40 -21.47
C ALA E 108 -18.56 28.96 -21.11
N PHE E 109 -19.82 28.69 -20.85
CA PHE E 109 -20.22 27.36 -20.45
C PHE E 109 -19.96 26.36 -21.56
N ILE E 110 -20.20 26.76 -22.80
CA ILE E 110 -19.99 25.87 -23.93
C ILE E 110 -18.52 25.55 -24.13
N LYS E 111 -17.66 26.57 -23.96
CA LYS E 111 -16.22 26.41 -24.04
C LYS E 111 -15.74 25.41 -22.99
N GLY E 112 -16.23 25.57 -21.76
CA GLY E 112 -15.86 24.67 -20.67
C GLY E 112 -16.28 23.23 -20.91
N LEU E 113 -17.54 23.02 -21.24
CA LEU E 113 -18.04 21.69 -21.51
C LEU E 113 -17.32 21.06 -22.71
N TYR E 114 -16.87 21.89 -23.66
CA TYR E 114 -16.14 21.35 -24.81
C TYR E 114 -14.75 20.88 -24.43
N VAL E 115 -14.01 21.74 -23.73
CA VAL E 115 -12.72 21.36 -23.15
C VAL E 115 -12.84 20.06 -22.35
N ALA E 116 -13.90 19.90 -21.57
CA ALA E 116 -14.05 18.67 -20.79
C ALA E 116 -14.51 17.46 -21.59
N GLU E 117 -15.52 17.64 -22.43
CA GLU E 117 -16.28 16.51 -22.96
C GLU E 117 -16.19 16.46 -24.47
N GLY E 118 -15.44 17.39 -25.04
CA GLY E 118 -15.45 17.58 -26.50
C GLY E 118 -14.39 16.79 -27.26
N ASP E 119 -14.52 16.76 -28.59
CA ASP E 119 -13.49 16.19 -29.45
C ASP E 119 -12.34 17.18 -29.56
N MET E 120 -11.26 16.95 -28.81
CA MET E 120 -10.19 17.95 -28.74
C MET E 120 -9.22 17.94 -29.92
N THR E 121 -9.28 16.89 -30.74
CA THR E 121 -8.49 16.86 -31.97
C THR E 121 -9.00 17.92 -32.92
N LEU E 122 -10.26 18.33 -32.71
CA LEU E 122 -10.97 19.25 -33.61
C LEU E 122 -11.04 18.77 -35.07
N LYS E 123 -10.61 17.55 -35.37
CA LYS E 123 -10.81 16.99 -36.71
C LYS E 123 -12.30 16.85 -36.96
N ARG E 124 -13.03 16.53 -35.90
CA ARG E 124 -14.48 16.60 -35.90
C ARG E 124 -14.89 17.39 -34.66
N LEU E 125 -16.10 17.93 -34.68
CA LEU E 125 -16.60 18.74 -33.57
C LEU E 125 -17.75 18.02 -32.85
N ARG E 126 -17.44 17.47 -31.69
CA ARG E 126 -18.37 16.59 -30.99
C ARG E 126 -18.34 16.83 -29.50
N ILE E 127 -19.51 16.68 -28.87
CA ILE E 127 -19.64 16.76 -27.42
C ILE E 127 -20.41 15.57 -26.89
N TRP E 128 -19.80 14.83 -25.98
CA TRP E 128 -20.42 13.62 -25.43
C TRP E 128 -21.05 13.83 -24.04
N ASN E 129 -22.23 13.24 -23.81
CA ASN E 129 -22.86 13.28 -22.49
C ASN E 129 -24.09 12.38 -22.42
N LYS E 130 -24.35 11.82 -21.24
CA LYS E 130 -25.52 10.96 -21.04
C LYS E 130 -26.78 11.77 -20.83
N ASN E 131 -26.62 13.07 -20.57
CA ASN E 131 -27.74 13.95 -20.31
C ASN E 131 -28.24 14.62 -21.58
N LYS E 132 -29.24 14.01 -22.22
CA LYS E 132 -29.79 14.49 -23.48
C LYS E 132 -30.34 15.91 -23.37
N ALA E 133 -31.11 16.15 -22.31
CA ALA E 133 -31.74 17.43 -22.09
C ALA E 133 -30.69 18.55 -21.98
N LEU E 134 -29.56 18.24 -21.35
CA LEU E 134 -28.48 19.22 -21.30
C LEU E 134 -27.90 19.49 -22.71
N LEU E 135 -27.70 18.43 -23.48
CA LEU E 135 -27.25 18.61 -24.87
C LEU E 135 -28.30 19.36 -25.69
N GLU E 136 -29.57 19.17 -25.38
CA GLU E 136 -30.62 19.87 -26.12
C GLU E 136 -30.55 21.36 -25.85
N ILE E 137 -30.21 21.70 -24.61
CA ILE E 137 -30.06 23.10 -24.25
C ILE E 137 -28.93 23.71 -25.09
N VAL E 138 -27.75 23.10 -25.01
CA VAL E 138 -26.60 23.56 -25.78
C VAL E 138 -26.93 23.62 -27.27
N SER E 139 -27.60 22.59 -27.77
CA SER E 139 -28.02 22.54 -29.16
C SER E 139 -28.77 23.82 -29.60
N ARG E 140 -29.69 24.28 -28.75
CA ARG E 140 -30.46 25.48 -29.04
C ARG E 140 -29.57 26.71 -29.06
N TRP E 141 -28.78 26.86 -28.02
CA TRP E 141 -27.81 27.95 -27.95
C TRP E 141 -26.97 28.03 -29.22
N LEU E 142 -26.50 26.88 -29.69
CA LEU E 142 -25.69 26.83 -30.90
C LEU E 142 -26.50 27.22 -32.14
N ASN E 143 -27.72 26.69 -32.26
CA ASN E 143 -28.61 27.13 -33.33
C ASN E 143 -28.80 28.63 -33.34
N ASN E 144 -29.10 29.21 -32.18
CA ASN E 144 -29.21 30.66 -32.04
C ASN E 144 -27.89 31.37 -32.34
N LEU E 145 -26.76 30.68 -32.15
CA LEU E 145 -25.46 31.24 -32.50
C LEU E 145 -25.06 31.01 -33.96
N GLY E 146 -25.97 30.45 -34.74
CA GLY E 146 -25.70 30.15 -36.13
C GLY E 146 -24.82 28.94 -36.39
N VAL E 147 -24.82 27.98 -35.47
CA VAL E 147 -24.01 26.78 -35.61
C VAL E 147 -24.86 25.51 -35.70
N ARG E 148 -24.92 24.91 -36.87
CA ARG E 148 -25.77 23.75 -37.08
C ARG E 148 -25.23 22.52 -36.34
N ASN E 149 -26.14 21.68 -35.86
CA ASN E 149 -25.77 20.52 -35.08
C ASN E 149 -26.87 19.45 -35.04
N THR E 150 -26.51 18.27 -34.55
CA THR E 150 -27.45 17.18 -34.34
C THR E 150 -27.15 16.47 -33.03
N ILE E 151 -28.09 15.67 -32.57
CA ILE E 151 -27.89 14.85 -31.39
C ILE E 151 -28.33 13.43 -31.73
N HIS E 152 -27.49 12.44 -31.43
N HIS E 152 -27.49 12.46 -31.41
CA HIS E 152 -27.93 11.06 -31.57
CA HIS E 152 -27.87 11.05 -31.59
C HIS E 152 -27.28 10.19 -30.51
C HIS E 152 -27.36 10.24 -30.42
N LEU E 153 -27.89 9.02 -30.26
CA LEU E 153 -27.39 8.08 -29.28
C LEU E 153 -26.11 7.43 -29.80
N ASP E 154 -24.97 7.99 -29.41
CA ASP E 154 -23.68 7.57 -29.93
C ASP E 154 -23.24 6.23 -29.35
N ASP E 155 -23.40 6.06 -28.04
CA ASP E 155 -23.04 4.83 -27.37
C ASP E 155 -24.28 4.13 -26.82
N HIS E 156 -24.69 3.04 -27.46
CA HIS E 156 -25.84 2.26 -27.00
C HIS E 156 -25.50 1.46 -25.74
N ARG E 157 -24.22 1.22 -25.50
CA ARG E 157 -23.78 0.46 -24.33
C ARG E 157 -24.03 1.19 -23.01
N HIS E 158 -23.85 2.50 -23.01
CA HIS E 158 -23.90 3.27 -21.78
C HIS E 158 -24.95 4.38 -21.79
N GLY E 159 -25.72 4.46 -22.87
CA GLY E 159 -26.71 5.51 -23.01
C GLY E 159 -26.10 6.90 -23.18
N VAL E 160 -24.94 6.95 -23.83
CA VAL E 160 -24.26 8.22 -24.04
C VAL E 160 -24.61 8.85 -25.39
N TYR E 161 -25.05 10.09 -25.36
CA TYR E 161 -25.41 10.79 -26.58
C TYR E 161 -24.25 11.66 -27.05
N VAL E 162 -24.27 12.00 -28.33
CA VAL E 162 -23.29 12.90 -28.87
C VAL E 162 -24.02 14.07 -29.52
N LEU E 163 -23.44 15.26 -29.38
CA LEU E 163 -23.91 16.42 -30.12
C LEU E 163 -22.86 16.63 -31.19
N ASN E 164 -23.26 16.46 -32.45
CA ASN E 164 -22.34 16.71 -33.53
C ASN E 164 -22.49 18.13 -34.04
N ILE E 165 -21.41 18.89 -33.99
CA ILE E 165 -21.37 20.19 -34.62
C ILE E 165 -20.91 20.07 -36.09
N SER E 166 -21.78 20.49 -36.99
CA SER E 166 -21.53 20.36 -38.44
C SER E 166 -20.20 21.02 -38.85
N LEU E 167 -19.36 20.23 -39.53
CA LEU E 167 -18.11 20.76 -40.06
C LEU E 167 -18.38 21.94 -40.99
N ARG E 168 -19.60 22.00 -41.53
CA ARG E 168 -20.03 23.14 -42.32
C ARG E 168 -19.91 24.47 -41.58
N ASP E 169 -19.97 24.45 -40.25
CA ASP E 169 -19.85 25.68 -39.49
C ASP E 169 -18.65 25.70 -38.54
N ARG E 170 -17.62 24.92 -38.85
CA ARG E 170 -16.49 24.80 -37.93
C ARG E 170 -15.79 26.12 -37.67
N ILE E 171 -15.59 26.92 -38.70
CA ILE E 171 -14.92 28.20 -38.54
C ILE E 171 -15.71 29.08 -37.57
N LYS E 172 -17.02 29.13 -37.72
CA LYS E 172 -17.83 29.96 -36.83
C LYS E 172 -17.81 29.40 -35.43
N PHE E 173 -17.90 28.08 -35.30
CA PHE E 173 -17.86 27.47 -33.99
C PHE E 173 -16.56 27.72 -33.24
N VAL E 174 -15.44 27.43 -33.89
CA VAL E 174 -14.14 27.61 -33.26
C VAL E 174 -13.88 29.07 -32.91
N HIS E 175 -13.82 29.93 -33.93
CA HIS E 175 -13.46 31.33 -33.72
C HIS E 175 -14.42 32.04 -32.75
N THR E 176 -15.64 31.53 -32.65
CA THR E 176 -16.68 32.21 -31.89
C THR E 176 -16.90 31.63 -30.49
N ILE E 177 -16.78 30.32 -30.36
CA ILE E 177 -16.97 29.71 -29.06
C ILE E 177 -15.64 29.30 -28.42
N LEU E 178 -14.81 28.58 -29.17
CA LEU E 178 -13.53 28.14 -28.62
C LEU E 178 -12.51 29.29 -28.48
N SER E 179 -12.57 30.26 -29.38
CA SER E 179 -11.62 31.36 -29.34
C SER E 179 -12.24 32.68 -28.89
N SER E 180 -13.18 32.62 -27.97
CA SER E 180 -13.79 33.84 -27.46
C SER E 180 -12.86 34.54 -26.46
N GLU I 5 52.64 -1.63 26.09
CA GLU I 5 53.43 -1.27 24.92
C GLU I 5 52.57 -0.76 23.77
N ASN I 6 53.21 -0.01 22.87
CA ASN I 6 52.53 0.54 21.71
C ASN I 6 52.06 -0.55 20.76
N VAL I 7 52.84 -1.65 20.66
CA VAL I 7 52.48 -2.75 19.78
C VAL I 7 51.39 -3.64 20.33
N SER I 8 51.42 -3.92 21.63
CA SER I 8 50.36 -4.71 22.23
C SER I 8 48.98 -4.06 22.00
N GLY I 9 48.93 -2.73 22.08
CA GLY I 9 47.70 -2.00 21.87
C GLY I 9 47.22 -2.06 20.43
N ILE I 10 48.10 -1.69 19.49
CA ILE I 10 47.76 -1.80 18.08
C ILE I 10 47.39 -3.24 17.76
N SER I 11 48.06 -4.17 18.43
CA SER I 11 47.78 -5.60 18.23
C SER I 11 46.37 -5.98 18.66
N ALA I 12 45.99 -5.50 19.85
CA ALA I 12 44.67 -5.76 20.40
C ALA I 12 43.58 -5.18 19.48
N TYR I 13 43.80 -3.96 19.02
CA TYR I 13 42.90 -3.33 18.07
C TYR I 13 42.75 -4.15 16.79
N LEU I 14 43.86 -4.53 16.16
CA LEU I 14 43.81 -5.32 14.92
C LEU I 14 43.12 -6.66 15.14
N LEU I 15 43.31 -7.24 16.31
CA LEU I 15 42.64 -8.50 16.62
C LEU I 15 41.12 -8.33 16.67
N GLY I 16 40.65 -7.17 17.16
CA GLY I 16 39.23 -6.85 17.13
C GLY I 16 38.68 -6.79 15.70
N LEU I 17 39.33 -5.99 14.84
CA LEU I 17 39.04 -5.99 13.41
C LEU I 17 39.03 -7.39 12.83
N ILE I 18 40.03 -8.19 13.19
CA ILE I 18 40.22 -9.52 12.61
C ILE I 18 39.08 -10.46 13.01
N ILE I 19 38.81 -10.52 14.31
CA ILE I 19 37.72 -11.35 14.82
C ILE I 19 36.41 -10.86 14.27
N GLY I 20 36.24 -9.54 14.24
CA GLY I 20 35.00 -8.93 13.83
C GLY I 20 34.74 -9.02 12.35
N ASP I 21 35.74 -8.69 11.54
CA ASP I 21 35.53 -8.52 10.10
C ASP I 21 36.45 -9.35 9.19
N GLY I 22 37.14 -10.34 9.75
CA GLY I 22 38.02 -11.17 8.95
C GLY I 22 38.29 -12.51 9.60
N GLY I 23 39.55 -12.91 9.62
CA GLY I 23 39.87 -14.15 10.29
C GLY I 23 41.32 -14.58 10.24
N LEU I 24 41.56 -15.74 10.83
CA LEU I 24 42.85 -16.37 10.81
C LEU I 24 42.68 -17.75 10.19
N TYR I 25 43.40 -18.01 9.10
CA TYR I 25 43.23 -19.30 8.42
C TYR I 25 44.53 -20.08 8.24
N LYS I 26 44.48 -21.34 8.67
CA LYS I 26 45.52 -22.30 8.43
C LYS I 26 45.07 -23.18 7.27
N LEU I 27 45.51 -22.83 6.06
CA LEU I 27 45.10 -23.54 4.86
C LEU I 27 46.00 -24.73 4.53
N LYS I 28 45.42 -25.77 3.96
CA LYS I 28 46.18 -26.90 3.44
C LYS I 28 45.76 -27.18 2.00
N TYR I 29 46.72 -27.06 1.08
CA TYR I 29 46.45 -27.32 -0.34
C TYR I 29 47.02 -28.67 -0.74
N LYS I 30 46.78 -29.04 -1.99
CA LYS I 30 47.43 -30.20 -2.58
C LYS I 30 48.68 -29.69 -3.27
N GLY I 31 49.77 -30.46 -3.27
CA GLY I 31 49.91 -31.66 -2.46
C GLY I 31 50.82 -31.33 -1.29
N ASN I 32 50.22 -31.24 -0.11
CA ASN I 32 50.93 -30.90 1.11
C ASN I 32 51.47 -29.47 1.14
N ARG I 33 50.98 -28.62 0.26
CA ARG I 33 51.26 -27.18 0.37
C ARG I 33 50.43 -26.57 1.52
N SER I 34 50.79 -25.37 1.94
CA SER I 34 50.07 -24.72 3.03
C SER I 34 50.11 -23.21 2.91
N GLU I 35 49.37 -22.54 3.79
CA GLU I 35 49.41 -21.08 3.90
C GLU I 35 48.78 -20.64 5.22
N TYR I 36 49.22 -19.51 5.71
CA TYR I 36 48.66 -18.98 6.94
C TYR I 36 48.24 -17.57 6.63
N ARG I 37 47.00 -17.25 6.94
CA ARG I 37 46.45 -15.96 6.56
C ARG I 37 45.88 -15.19 7.73
N VAL I 38 46.26 -13.91 7.78
CA VAL I 38 45.64 -12.94 8.64
C VAL I 38 44.82 -12.02 7.72
N VAL I 39 43.52 -11.93 8.00
CA VAL I 39 42.60 -11.27 7.09
C VAL I 39 41.70 -10.29 7.83
N ILE I 40 41.60 -9.07 7.30
CA ILE I 40 40.49 -8.17 7.60
C ILE I 40 39.76 -7.78 6.30
N THR I 41 38.46 -8.09 6.19
CA THR I 41 37.67 -7.63 5.03
C THR I 41 36.88 -6.36 5.33
N ALA I 42 36.65 -5.54 4.31
CA ALA I 42 35.79 -4.36 4.44
C ALA I 42 35.14 -3.92 3.13
N LYS I 43 34.03 -3.18 3.25
CA LYS I 43 33.37 -2.63 2.07
C LYS I 43 34.26 -1.61 1.39
N SER I 44 34.87 -0.73 2.17
CA SER I 44 35.63 0.39 1.61
C SER I 44 37.11 0.12 1.44
N GLU I 45 37.57 0.10 0.19
CA GLU I 45 38.98 -0.02 -0.07
C GLU I 45 39.76 1.12 0.59
N ASN I 46 39.13 2.28 0.72
CA ASN I 46 39.82 3.45 1.27
C ASN I 46 40.14 3.33 2.77
N LEU I 47 39.17 2.85 3.53
CA LEU I 47 39.38 2.54 4.91
C LEU I 47 40.55 1.55 5.03
N ILE I 48 40.55 0.54 4.18
N ILE I 48 40.54 0.52 4.19
CA ILE I 48 41.58 -0.47 4.24
CA ILE I 48 41.58 -0.48 4.18
C ILE I 48 42.96 0.11 3.92
C ILE I 48 42.95 0.12 3.93
N LYS I 49 43.05 0.91 2.86
CA LYS I 49 44.33 1.51 2.48
C LYS I 49 44.79 2.63 3.41
N GLN I 50 43.87 3.44 3.90
CA GLN I 50 44.20 4.65 4.63
CA GLN I 50 44.27 4.62 4.63
C GLN I 50 44.26 4.43 6.14
N HIS I 51 43.42 3.54 6.64
CA HIS I 51 43.30 3.37 8.08
CA HIS I 51 43.32 3.39 8.09
C HIS I 51 43.87 2.07 8.62
N ILE I 52 43.53 0.95 8.00
CA ILE I 52 43.93 -0.34 8.53
C ILE I 52 45.34 -0.77 8.17
N ALA I 53 45.69 -0.62 6.89
CA ALA I 53 46.96 -1.10 6.39
C ALA I 53 48.19 -0.45 7.03
N PRO I 54 48.14 0.87 7.28
CA PRO I 54 49.33 1.46 7.93
C PRO I 54 49.54 0.89 9.32
N LEU I 55 48.47 0.53 10.02
CA LEU I 55 48.58 -0.11 11.33
C LEU I 55 49.23 -1.49 11.22
N MET I 56 48.75 -2.30 10.27
CA MET I 56 49.29 -3.63 10.08
C MET I 56 50.75 -3.58 9.62
N GLN I 57 51.08 -2.61 8.77
CA GLN I 57 52.43 -2.45 8.25
C GLN I 57 53.40 -2.16 9.40
N PHE I 58 52.95 -1.32 10.32
CA PHE I 58 53.74 -1.01 11.48
C PHE I 58 54.05 -2.31 12.21
N LEU I 59 53.03 -3.13 12.40
CA LEU I 59 53.19 -4.34 13.18
C LEU I 59 54.14 -5.29 12.47
N ILE I 60 54.00 -5.37 11.16
CA ILE I 60 54.88 -6.18 10.34
C ILE I 60 56.35 -5.74 10.48
N ASP I 61 56.59 -4.43 10.45
CA ASP I 61 57.94 -3.90 10.56
C ASP I 61 58.50 -4.25 11.91
N GLU I 62 57.65 -4.08 12.92
CA GLU I 62 58.03 -4.27 14.28
C GLU I 62 58.44 -5.72 14.55
N LEU I 63 57.76 -6.66 13.89
CA LEU I 63 58.04 -8.09 14.07
C LEU I 63 58.97 -8.66 13.00
N ASN I 64 59.53 -7.83 12.16
CA ASN I 64 60.36 -8.33 11.05
C ASN I 64 59.66 -9.46 10.32
N VAL I 65 58.36 -9.32 10.08
CA VAL I 65 57.63 -10.25 9.24
C VAL I 65 57.98 -9.91 7.80
N LYS I 66 58.08 -10.93 6.96
CA LYS I 66 58.56 -10.69 5.60
C LYS I 66 57.46 -10.58 4.54
N SER I 67 56.32 -11.22 4.81
CA SER I 67 55.20 -11.21 3.88
C SER I 67 54.72 -9.80 3.57
N LYS I 68 54.09 -9.62 2.41
CA LYS I 68 53.57 -8.31 2.05
C LYS I 68 52.11 -8.16 2.46
N ILE I 69 51.68 -6.93 2.65
CA ILE I 69 50.26 -6.70 2.82
C ILE I 69 49.65 -6.77 1.44
N GLN I 70 48.74 -7.72 1.25
CA GLN I 70 47.96 -7.83 0.02
C GLN I 70 46.59 -7.18 0.22
N ILE I 71 46.17 -6.39 -0.76
CA ILE I 71 44.81 -5.88 -0.81
C ILE I 71 44.09 -6.44 -2.04
N VAL I 72 43.21 -7.40 -1.81
CA VAL I 72 42.50 -8.07 -2.89
C VAL I 72 41.03 -7.63 -2.98
N LYS I 73 40.62 -7.31 -4.21
CA LYS I 73 39.26 -6.91 -4.51
C LYS I 73 38.38 -8.13 -4.70
N GLY I 74 37.43 -8.33 -3.81
CA GLY I 74 36.47 -9.42 -3.93
C GLY I 74 35.19 -8.87 -4.56
N ASP I 75 34.25 -9.75 -4.87
CA ASP I 75 33.02 -9.29 -5.49
C ASP I 75 32.23 -8.38 -4.55
N THR I 76 32.26 -8.69 -3.26
CA THR I 76 31.42 -7.97 -2.30
C THR I 76 32.17 -7.10 -1.28
N ARG I 77 33.50 -7.21 -1.26
CA ARG I 77 34.29 -6.44 -0.33
C ARG I 77 35.77 -6.52 -0.68
N TYR I 78 36.55 -5.59 -0.16
CA TYR I 78 37.99 -5.71 -0.27
C TYR I 78 38.52 -6.54 0.89
N GLU I 79 39.62 -7.23 0.64
CA GLU I 79 40.26 -8.03 1.67
C GLU I 79 41.70 -7.59 1.87
N LEU I 80 42.03 -7.21 3.09
CA LEU I 80 43.42 -7.12 3.48
C LEU I 80 43.91 -8.52 3.91
N ARG I 81 45.06 -8.92 3.38
CA ARG I 81 45.57 -10.25 3.63
C ARG I 81 47.07 -10.21 3.81
N VAL I 82 47.52 -10.73 4.94
CA VAL I 82 48.93 -10.99 5.12
C VAL I 82 49.11 -12.50 5.15
N SER I 83 49.89 -13.01 4.20
CA SER I 83 50.15 -14.44 4.08
C SER I 83 51.42 -14.76 4.87
N SER I 84 51.29 -15.22 6.11
CA SER I 84 52.45 -15.32 7.00
C SER I 84 52.29 -16.25 8.21
N LYS I 85 52.99 -17.37 8.20
CA LYS I 85 52.95 -18.28 9.35
C LYS I 85 53.23 -17.56 10.67
N LYS I 86 54.20 -16.65 10.64
CA LYS I 86 54.59 -15.90 11.80
C LYS I 86 53.51 -14.97 12.32
N LEU I 87 52.88 -14.22 11.40
CA LEU I 87 51.88 -13.25 11.82
C LEU I 87 50.66 -14.00 12.33
N TYR I 88 50.36 -15.10 11.65
CA TYR I 88 49.23 -15.91 12.03
C TYR I 88 49.36 -16.43 13.46
N TYR I 89 50.47 -17.08 13.79
CA TYR I 89 50.59 -17.62 15.15
C TYR I 89 50.63 -16.51 16.21
N TYR I 90 51.24 -15.41 15.84
CA TYR I 90 51.26 -14.23 16.68
C TYR I 90 49.84 -13.83 17.13
N PHE I 91 48.94 -13.59 16.17
CA PHE I 91 47.55 -13.26 16.49
C PHE I 91 46.79 -14.42 17.12
N ALA I 92 47.03 -15.63 16.63
CA ALA I 92 46.33 -16.81 17.17
C ALA I 92 46.68 -17.06 18.62
N ASN I 93 47.95 -16.88 18.98
CA ASN I 93 48.39 -17.11 20.36
C ASN I 93 47.82 -16.01 21.25
N MET I 94 47.81 -14.81 20.72
CA MET I 94 47.23 -13.69 21.41
C MET I 94 45.73 -13.93 21.67
N LEU I 95 45.01 -14.45 20.68
CA LEU I 95 43.60 -14.77 20.88
C LEU I 95 43.38 -15.75 22.02
N GLU I 96 44.25 -16.75 22.11
CA GLU I 96 44.16 -17.75 23.18
C GLU I 96 44.39 -17.17 24.57
N ARG I 97 45.21 -16.12 24.64
CA ARG I 97 45.49 -15.48 25.94
CA ARG I 97 45.49 -15.49 25.93
C ARG I 97 44.64 -14.24 26.14
N ILE I 98 43.50 -14.18 25.46
CA ILE I 98 42.65 -13.01 25.51
C ILE I 98 42.19 -12.66 26.95
N ARG I 99 41.82 -13.66 27.74
CA ARG I 99 41.33 -13.42 29.09
CA ARG I 99 41.32 -13.42 29.09
C ARG I 99 42.31 -12.63 29.94
N LEU I 100 43.58 -12.66 29.57
CA LEU I 100 44.62 -11.98 30.33
C LEU I 100 44.95 -10.59 29.80
N PHE I 101 44.16 -10.07 28.86
CA PHE I 101 44.47 -8.74 28.37
C PHE I 101 44.51 -7.78 29.56
N ASN I 102 45.42 -6.82 29.53
CA ASN I 102 45.40 -5.75 30.52
C ASN I 102 44.44 -4.67 30.05
N MET I 103 44.34 -3.57 30.80
CA MET I 103 43.36 -2.55 30.49
C MET I 103 43.60 -1.95 29.12
N ARG I 104 44.84 -1.64 28.83
CA ARG I 104 45.23 -1.03 27.57
C ARG I 104 44.74 -1.88 26.39
N GLU I 105 44.95 -3.19 26.50
CA GLU I 105 44.60 -4.13 25.45
C GLU I 105 43.10 -4.34 25.38
N GLN I 106 42.47 -4.44 26.56
CA GLN I 106 41.03 -4.58 26.67
C GLN I 106 40.38 -3.47 25.88
N ILE I 107 40.78 -2.25 26.19
CA ILE I 107 40.21 -1.10 25.51
C ILE I 107 40.46 -1.14 23.99
N ALA I 108 41.70 -1.34 23.59
CA ALA I 108 42.04 -1.40 22.18
C ALA I 108 41.23 -2.47 21.46
N PHE I 109 41.14 -3.64 22.08
CA PHE I 109 40.40 -4.75 21.51
C PHE I 109 38.89 -4.47 21.38
N ILE I 110 38.26 -3.96 22.45
CA ILE I 110 36.85 -3.58 22.38
C ILE I 110 36.60 -2.52 21.30
N LYS I 111 37.53 -1.58 21.19
CA LYS I 111 37.47 -0.57 20.14
C LYS I 111 37.42 -1.22 18.76
N GLY I 112 38.32 -2.17 18.52
CA GLY I 112 38.37 -2.90 17.26
C GLY I 112 37.13 -3.74 16.97
N LEU I 113 36.64 -4.41 18.01
CA LEU I 113 35.45 -5.23 17.87
C LEU I 113 34.21 -4.36 17.61
N TYR I 114 34.19 -3.17 18.19
CA TYR I 114 33.03 -2.30 18.03
C TYR I 114 33.01 -1.68 16.63
N VAL I 115 34.15 -1.13 16.22
CA VAL I 115 34.32 -0.66 14.86
C VAL I 115 33.91 -1.71 13.83
N ALA I 116 34.17 -2.99 14.13
CA ALA I 116 33.89 -4.06 13.19
C ALA I 116 32.48 -4.61 13.28
N GLU I 117 31.97 -4.75 14.49
CA GLU I 117 30.71 -5.47 14.68
C GLU I 117 29.74 -4.69 15.57
N GLY I 118 30.04 -3.42 15.78
CA GLY I 118 29.20 -2.59 16.63
C GLY I 118 28.17 -1.80 15.86
N ASP I 119 27.25 -1.20 16.61
CA ASP I 119 26.27 -0.26 16.12
C ASP I 119 26.96 1.10 15.97
N MET I 120 27.52 1.36 14.79
CA MET I 120 28.27 2.60 14.57
C MET I 120 27.36 3.80 14.31
N THR I 121 26.07 3.53 14.16
CA THR I 121 25.07 4.57 14.21
C THR I 121 25.21 5.35 15.51
N LEU I 122 25.53 4.63 16.57
CA LEU I 122 25.69 5.18 17.92
C LEU I 122 24.37 5.60 18.56
N LYS I 123 23.26 5.47 17.84
CA LYS I 123 21.96 5.75 18.45
C LYS I 123 21.77 4.75 19.59
N ARG I 124 21.95 3.47 19.29
CA ARG I 124 22.12 2.45 20.32
C ARG I 124 23.58 1.98 20.35
N LEU I 125 24.02 1.45 21.48
CA LEU I 125 25.37 0.90 21.63
C LEU I 125 25.30 -0.61 21.74
N ARG I 126 25.67 -1.29 20.66
CA ARG I 126 25.46 -2.72 20.55
C ARG I 126 26.65 -3.41 19.88
N ILE I 127 26.93 -4.66 20.28
CA ILE I 127 27.94 -5.48 19.61
C ILE I 127 27.36 -6.84 19.28
N TRP I 128 27.52 -7.27 18.03
CA TRP I 128 26.99 -8.56 17.61
C TRP I 128 28.08 -9.64 17.42
N ASN I 129 27.78 -10.87 17.82
CA ASN I 129 28.67 -12.00 17.58
C ASN I 129 28.00 -13.31 17.94
N LYS I 130 28.35 -14.38 17.21
CA LYS I 130 27.84 -15.72 17.53
C LYS I 130 28.56 -16.34 18.72
N ASN I 131 29.71 -15.78 19.08
CA ASN I 131 30.48 -16.31 20.19
C ASN I 131 30.05 -15.70 21.53
N LYS I 132 29.16 -16.38 22.22
CA LYS I 132 28.68 -15.89 23.49
C LYS I 132 29.84 -15.69 24.47
N ALA I 133 30.71 -16.69 24.53
CA ALA I 133 31.79 -16.69 25.51
C ALA I 133 32.71 -15.49 25.29
N LEU I 134 32.95 -15.18 24.02
CA LEU I 134 33.68 -13.95 23.74
C LEU I 134 32.91 -12.71 24.25
N LEU I 135 31.59 -12.69 24.06
CA LEU I 135 30.80 -11.55 24.53
C LEU I 135 30.85 -11.45 26.05
N GLU I 136 30.79 -12.59 26.73
CA GLU I 136 30.85 -12.62 28.19
C GLU I 136 32.16 -12.06 28.76
N ILE I 137 33.27 -12.38 28.09
CA ILE I 137 34.55 -11.75 28.35
C ILE I 137 34.51 -10.22 28.20
N VAL I 138 34.04 -9.74 27.05
CA VAL I 138 33.90 -8.29 26.84
C VAL I 138 32.97 -7.66 27.89
N SER I 139 31.85 -8.32 28.16
CA SER I 139 30.90 -7.85 29.16
C SER I 139 31.57 -7.56 30.51
N ARG I 140 32.40 -8.49 30.97
CA ARG I 140 33.06 -8.32 32.26
C ARG I 140 34.07 -7.17 32.25
N TRP I 141 34.86 -7.06 31.18
CA TRP I 141 35.75 -5.91 31.05
C TRP I 141 34.96 -4.61 31.17
N LEU I 142 33.84 -4.53 30.46
CA LEU I 142 33.01 -3.34 30.46
C LEU I 142 32.47 -3.10 31.86
N ASN I 143 31.87 -4.12 32.45
CA ASN I 143 31.34 -3.92 33.79
C ASN I 143 32.42 -3.34 34.70
N ASN I 144 33.64 -3.83 34.56
CA ASN I 144 34.70 -3.41 35.46
C ASN I 144 35.27 -2.05 35.09
N LEU I 145 34.91 -1.57 33.90
CA LEU I 145 35.19 -0.20 33.51
C LEU I 145 34.00 0.74 33.80
N GLY I 146 33.00 0.23 34.52
CA GLY I 146 31.80 1.00 34.83
C GLY I 146 30.86 1.23 33.64
N VAL I 147 30.65 0.21 32.83
CA VAL I 147 29.75 0.30 31.70
C VAL I 147 28.84 -0.91 31.77
N ARG I 148 27.58 -0.67 32.14
CA ARG I 148 26.61 -1.74 32.32
C ARG I 148 26.15 -2.23 30.95
N ASN I 149 25.76 -3.49 30.89
CA ASN I 149 25.45 -4.11 29.61
C ASN I 149 24.73 -5.42 29.79
N THR I 150 24.08 -5.89 28.73
CA THR I 150 23.40 -7.16 28.79
C THR I 150 23.72 -8.01 27.57
N ILE I 151 23.47 -9.30 27.70
CA ILE I 151 23.62 -10.17 26.57
C ILE I 151 22.37 -11.01 26.42
N HIS I 152 21.87 -11.09 25.21
N HIS I 152 21.86 -11.05 25.20
CA HIS I 152 20.85 -12.07 24.89
CA HIS I 152 20.74 -11.93 24.84
C HIS I 152 21.04 -12.51 23.47
C HIS I 152 21.02 -12.49 23.45
N LEU I 153 20.31 -13.55 23.09
CA LEU I 153 20.33 -14.04 21.73
CA LEU I 153 20.31 -14.04 21.72
C LEU I 153 19.44 -13.13 20.87
N ASP I 154 20.06 -12.29 20.06
CA ASP I 154 19.33 -11.35 19.21
C ASP I 154 18.72 -11.99 17.96
N ASP I 155 19.53 -12.70 17.18
CA ASP I 155 19.05 -13.27 15.92
C ASP I 155 18.90 -14.80 15.98
N HIS I 156 17.67 -15.27 16.14
CA HIS I 156 17.40 -16.70 16.18
C HIS I 156 17.61 -17.41 14.83
N ARG I 157 17.82 -16.65 13.76
CA ARG I 157 17.97 -17.30 12.46
C ARG I 157 19.39 -17.83 12.29
N HIS I 158 20.34 -17.17 12.94
CA HIS I 158 21.75 -17.45 12.76
C HIS I 158 22.52 -17.59 14.07
N GLY I 159 21.80 -17.73 15.18
CA GLY I 159 22.42 -17.82 16.50
C GLY I 159 23.35 -16.66 16.86
N VAL I 160 22.97 -15.45 16.48
CA VAL I 160 23.79 -14.28 16.79
C VAL I 160 23.34 -13.61 18.09
N TYR I 161 24.27 -13.49 19.04
CA TYR I 161 24.01 -12.85 20.32
C TYR I 161 24.31 -11.38 20.14
N VAL I 162 23.73 -10.54 20.99
CA VAL I 162 24.09 -9.13 20.98
C VAL I 162 24.49 -8.72 22.39
N LEU I 163 25.57 -7.95 22.48
CA LEU I 163 25.95 -7.35 23.74
C LEU I 163 25.47 -5.92 23.68
N ASN I 164 24.50 -5.62 24.54
CA ASN I 164 23.89 -4.31 24.58
C ASN I 164 24.44 -3.45 25.72
N ILE I 165 24.99 -2.29 25.37
CA ILE I 165 25.55 -1.37 26.34
C ILE I 165 24.53 -0.36 26.82
N SER I 166 24.23 -0.38 28.12
CA SER I 166 23.22 0.51 28.68
C SER I 166 23.49 1.97 28.30
N LEU I 167 22.49 2.61 27.71
CA LEU I 167 22.61 4.02 27.38
C LEU I 167 22.79 4.91 28.61
N ARG I 168 22.53 4.37 29.80
CA ARG I 168 22.81 5.12 31.03
C ARG I 168 24.30 5.41 31.13
N ASP I 169 25.10 4.65 30.42
CA ASP I 169 26.54 4.80 30.51
C ASP I 169 27.13 5.16 29.15
N ARG I 170 26.27 5.63 28.25
CA ARG I 170 26.70 5.95 26.90
C ARG I 170 27.92 6.86 26.90
N ILE I 171 27.91 7.89 27.73
CA ILE I 171 29.03 8.81 27.76
C ILE I 171 30.34 8.16 28.20
N LYS I 172 30.31 7.40 29.29
CA LYS I 172 31.53 6.76 29.79
C LYS I 172 32.07 5.77 28.75
N PHE I 173 31.15 5.17 27.99
CA PHE I 173 31.59 4.24 26.99
C PHE I 173 32.18 4.94 25.77
N VAL I 174 31.45 5.90 25.22
CA VAL I 174 31.94 6.57 24.02
C VAL I 174 33.27 7.26 24.32
N HIS I 175 33.38 7.78 25.54
CA HIS I 175 34.57 8.53 25.93
C HIS I 175 35.74 7.64 26.29
N THR I 176 35.46 6.60 27.08
CA THR I 176 36.51 5.70 27.57
C THR I 176 37.05 4.76 26.51
N ILE I 177 36.17 4.19 25.71
CA ILE I 177 36.57 3.11 24.82
C ILE I 177 36.77 3.54 23.37
N LEU I 178 35.77 4.17 22.79
CA LEU I 178 35.95 4.72 21.45
C LEU I 178 36.80 5.99 21.52
N SER I 179 37.36 6.27 22.70
CA SER I 179 38.22 7.44 22.91
C SER I 179 37.84 8.60 22.00
CL CL M . -28.41 -20.06 8.73
C ACT N . -16.16 -4.82 0.41
O ACT N . -17.26 -4.30 0.10
OXT ACT N . -15.63 -5.54 -0.46
CH3 ACT N . -15.51 -4.61 1.76
MN MN O . -20.23 -18.22 -7.98
CL CL P . -45.29 -14.55 -14.09
CL CL Q . -30.37 19.85 -17.42
MN MN R . -12.19 15.24 -20.27
MN MN S . 31.77 -4.57 9.92
CL CL T . 36.54 -17.53 22.91
#